data_8ZEB
#
_entry.id   8ZEB
#
_cell.length_a   64.022
_cell.length_b   97.605
_cell.length_c   93.149
_cell.angle_alpha   90.000
_cell.angle_beta   90.000
_cell.angle_gamma   90.000
#
_symmetry.space_group_name_H-M   'C 2 2 21'
#
loop_
_entity.id
_entity.type
_entity.pdbx_description
1 polymer 'Bcl-2-like protein 1'
2 polymer THR-PRO-GLU-TRP-ALA-SER-THR-LEU-ARG-PRO-GLU-(CCS)-(EDN)-(Z7Z)-(PRS)
3 water water
#
loop_
_entity_poly.entity_id
_entity_poly.type
_entity_poly.pdbx_seq_one_letter_code
_entity_poly.pdbx_strand_id
1 'polypeptide(L)'
;MSQSNRELVVDFLSYKLSQKGYSWSQPMAAVKQALREAGDEFELRYRRAFSDLTSQLHITPGTAYQSFEQVVNELFRDGV
NWGRIVAFFSFGGALCVESVDKEMQVLVSRIAAWMATYLNDHLEPWIQENGGWDTFVELYG
;
A,B
2 'polypeptide(L)' TPEWASTLRPE(CCS)(EDN)(Z7Z)(PRS) D,C
#
# COMPACT_ATOMS: atom_id res chain seq x y z
N GLN A 3 -3.08 -3.17 -8.48
CA GLN A 3 -2.40 -4.16 -7.66
C GLN A 3 -0.89 -4.05 -7.80
N SER A 4 -0.25 -3.56 -6.75
CA SER A 4 1.16 -3.20 -6.81
C SER A 4 2.02 -4.38 -6.31
N ASN A 5 2.99 -4.77 -7.14
CA ASN A 5 3.96 -5.78 -6.69
C ASN A 5 4.77 -5.27 -5.53
N ARG A 6 5.01 -3.95 -5.49
CA ARG A 6 5.83 -3.38 -4.43
C ARG A 6 5.09 -3.40 -3.10
N GLU A 7 3.77 -3.10 -3.13
CA GLU A 7 2.97 -3.22 -1.91
C GLU A 7 2.98 -4.64 -1.38
N LEU A 8 2.91 -5.63 -2.27
CA LEU A 8 2.93 -7.01 -1.86
C LEU A 8 4.27 -7.38 -1.25
N VAL A 9 5.36 -6.93 -1.90
CA VAL A 9 6.70 -7.20 -1.38
C VAL A 9 6.87 -6.59 0.00
N VAL A 10 6.44 -5.33 0.16
CA VAL A 10 6.71 -4.67 1.43
C VAL A 10 5.89 -5.31 2.54
N ASP A 11 4.67 -5.76 2.23
CA ASP A 11 3.85 -6.42 3.26
C ASP A 11 4.45 -7.76 3.66
N PHE A 12 4.92 -8.55 2.69
CA PHE A 12 5.46 -9.87 3.02
C PHE A 12 6.73 -9.75 3.85
N LEU A 13 7.67 -8.90 3.42
CA LEU A 13 8.89 -8.70 4.18
C LEU A 13 8.60 -8.19 5.59
N SER A 14 7.74 -7.17 5.72
CA SER A 14 7.38 -6.64 7.04
C SER A 14 6.83 -7.74 7.95
N TYR A 15 5.95 -8.57 7.40
CA TYR A 15 5.41 -9.71 8.14
C TYR A 15 6.50 -10.67 8.55
N LYS A 16 7.36 -11.07 7.60
CA LYS A 16 8.40 -12.04 7.90
C LYS A 16 9.38 -11.51 8.94
N LEU A 17 9.66 -10.21 8.91
CA LEU A 17 10.56 -9.62 9.90
C LEU A 17 9.91 -9.56 11.29
N SER A 18 8.63 -9.19 11.37
CA SER A 18 7.95 -9.18 12.66
C SER A 18 7.90 -10.57 13.29
N GLN A 19 7.79 -11.62 12.48
CA GLN A 19 7.79 -12.97 13.03
C GLN A 19 9.09 -13.31 13.74
N LYS A 20 10.22 -12.73 13.32
CA LYS A 20 11.50 -12.97 13.98
C LYS A 20 11.81 -11.94 15.06
N GLY A 21 10.86 -11.06 15.36
CA GLY A 21 11.03 -10.09 16.42
C GLY A 21 11.51 -8.74 15.97
N TYR A 22 11.59 -8.49 14.66
CA TYR A 22 12.12 -7.26 14.10
C TYR A 22 11.00 -6.43 13.52
N SER A 23 10.98 -5.14 13.83
CA SER A 23 9.91 -4.25 13.40
C SER A 23 10.47 -3.30 12.34
N TRP A 24 10.21 -3.62 11.06
CA TRP A 24 10.63 -2.78 9.95
C TRP A 24 9.78 -1.52 9.90
N SER A 25 10.40 -0.38 10.22
CA SER A 25 9.67 0.87 10.24
C SER A 25 9.30 1.29 8.83
N GLN A 26 8.00 1.47 8.59
CA GLN A 26 7.55 2.05 7.33
C GLN A 26 7.19 3.50 7.58
N PRO A 27 7.91 4.47 7.01
CA PRO A 27 7.55 5.88 7.28
C PRO A 27 6.15 6.25 6.81
N MET A 28 5.62 5.58 5.77
CA MET A 28 4.24 5.88 5.37
C MET A 28 3.23 5.38 6.38
N ALA A 29 3.60 4.42 7.25
CA ALA A 29 2.69 4.01 8.33
C ALA A 29 2.41 5.17 9.28
N ALA A 30 3.42 5.98 9.60
CA ALA A 30 3.20 7.14 10.45
C ALA A 30 2.35 8.19 9.75
N VAL A 31 2.54 8.35 8.43
CA VAL A 31 1.72 9.27 7.67
C VAL A 31 0.26 8.84 7.69
N LYS A 32 0.01 7.56 7.42
CA LYS A 32 -1.37 7.05 7.41
C LYS A 32 -2.05 7.27 8.76
N GLN A 33 -1.35 6.97 9.86
CA GLN A 33 -1.92 7.17 11.19
C GLN A 33 -2.18 8.65 11.47
N ALA A 34 -1.26 9.53 11.10
CA ALA A 34 -1.48 10.95 11.39
C ALA A 34 -2.65 11.51 10.58
N LEU A 35 -2.81 11.04 9.33
CA LEU A 35 -3.91 11.49 8.49
C LEU A 35 -5.25 11.02 9.04
N ARG A 36 -5.31 9.77 9.52
CA ARG A 36 -6.54 9.26 10.14
C ARG A 36 -6.94 10.11 11.34
N GLU A 37 -5.99 10.37 12.24
CA GLU A 37 -6.28 11.14 13.44
C GLU A 37 -6.63 12.58 13.12
N ALA A 38 -5.92 13.20 12.17
CA ALA A 38 -6.21 14.58 11.83
C ALA A 38 -7.59 14.70 11.20
N GLY A 39 -7.96 13.74 10.35
CA GLY A 39 -9.29 13.76 9.75
C GLY A 39 -10.38 13.59 10.81
N ASP A 40 -10.18 12.67 11.75
CA ASP A 40 -11.12 12.53 12.86
C ASP A 40 -11.26 13.83 13.62
N GLU A 41 -10.13 14.49 13.94
CA GLU A 41 -10.19 15.74 14.69
C GLU A 41 -10.84 16.84 13.88
N PHE A 42 -10.53 16.94 12.58
CA PHE A 42 -11.17 17.96 11.74
C PHE A 42 -12.68 17.81 11.75
N GLU A 43 -13.18 16.59 11.57
CA GLU A 43 -14.62 16.36 11.44
C GLU A 43 -15.36 16.62 12.75
N LEU A 44 -14.72 16.39 13.88
CA LEU A 44 -15.32 16.59 15.19
C LEU A 44 -15.12 18.02 15.69
N ARG A 45 -13.89 18.51 15.73
CA ARG A 45 -13.66 19.83 16.28
C ARG A 45 -14.06 20.95 15.33
N TYR A 46 -14.10 20.70 14.02
CA TYR A 46 -14.49 21.76 13.08
C TYR A 46 -15.66 21.28 12.25
N ARG A 47 -16.72 20.78 12.90
CA ARG A 47 -17.80 20.17 12.14
C ARG A 47 -18.48 21.15 11.17
N ARG A 48 -18.53 22.45 11.50
CA ARG A 48 -19.16 23.39 10.58
C ARG A 48 -18.34 23.54 9.31
N ALA A 49 -17.02 23.57 9.43
CA ALA A 49 -16.16 23.62 8.25
C ALA A 49 -16.29 22.35 7.44
N PHE A 50 -16.37 21.20 8.13
CA PHE A 50 -16.48 19.92 7.46
C PHE A 50 -17.80 19.80 6.70
N SER A 51 -18.92 20.09 7.37
CA SER A 51 -20.22 19.96 6.71
C SER A 51 -20.43 21.04 5.64
N ASP A 52 -19.78 22.19 5.77
CA ASP A 52 -19.84 23.20 4.72
C ASP A 52 -19.21 22.67 3.43
N LEU A 53 -18.12 21.91 3.55
CA LEU A 53 -17.49 21.32 2.36
C LEU A 53 -18.34 20.18 1.80
N THR A 54 -18.79 19.25 2.64
CA THR A 54 -19.56 18.11 2.14
C THR A 54 -20.89 18.53 1.51
N SER A 55 -21.45 19.65 1.91
CA SER A 55 -22.71 20.09 1.29
C SER A 55 -22.54 20.55 -0.16
N GLN A 56 -21.32 20.76 -0.64
CA GLN A 56 -21.15 21.34 -1.98
C GLN A 56 -21.21 20.32 -3.11
N LEU A 57 -21.22 19.02 -2.81
CA LEU A 57 -21.19 18.02 -3.87
C LEU A 57 -21.81 16.74 -3.35
N HIS A 58 -22.66 16.14 -4.17
CA HIS A 58 -23.11 14.78 -3.90
C HIS A 58 -22.88 13.96 -5.16
N ILE A 59 -22.25 12.82 -5.01
CA ILE A 59 -21.80 12.04 -6.17
C ILE A 59 -22.93 11.15 -6.64
N THR A 60 -23.18 11.16 -7.95
CA THR A 60 -24.08 10.21 -8.57
C THR A 60 -23.29 9.51 -9.66
N PRO A 61 -23.78 8.41 -10.23
CA PRO A 61 -23.04 7.76 -11.32
C PRO A 61 -22.85 8.66 -12.53
N GLY A 62 -23.48 9.83 -12.55
CA GLY A 62 -23.34 10.76 -13.65
C GLY A 62 -22.40 11.91 -13.35
N THR A 63 -21.93 12.03 -12.11
CA THR A 63 -20.99 13.09 -11.78
C THR A 63 -19.67 12.90 -12.51
N ALA A 64 -19.18 13.96 -13.14
CA ALA A 64 -17.88 13.86 -13.78
C ALA A 64 -16.81 14.37 -12.84
N TYR A 65 -15.58 13.91 -13.05
CA TYR A 65 -14.43 14.38 -12.28
C TYR A 65 -14.38 15.90 -12.23
N GLN A 66 -14.65 16.58 -13.35
CA GLN A 66 -14.53 18.03 -13.35
C GLN A 66 -15.43 18.69 -12.30
N SER A 67 -16.54 18.05 -11.90
CA SER A 67 -17.36 18.66 -10.84
C SER A 67 -16.67 18.58 -9.48
N PHE A 68 -16.04 17.43 -9.19
CA PHE A 68 -15.22 17.28 -7.98
C PHE A 68 -14.03 18.23 -8.00
N GLU A 69 -13.35 18.32 -9.14
CA GLU A 69 -12.21 19.21 -9.27
C GLU A 69 -12.58 20.67 -8.99
N GLN A 70 -13.75 21.12 -9.44
CA GLN A 70 -14.14 22.52 -9.20
C GLN A 70 -14.39 22.80 -7.73
N VAL A 71 -15.05 21.88 -7.03
CA VAL A 71 -15.28 22.07 -5.60
C VAL A 71 -13.96 22.07 -4.84
N VAL A 72 -13.06 21.15 -5.19
CA VAL A 72 -11.80 21.10 -4.45
C VAL A 72 -10.95 22.32 -4.78
N ASN A 73 -11.00 22.76 -6.04
CA ASN A 73 -10.30 24.00 -6.42
C ASN A 73 -10.75 25.17 -5.56
N GLU A 74 -12.03 25.21 -5.18
CA GLU A 74 -12.53 26.27 -4.31
C GLU A 74 -11.99 26.13 -2.90
N LEU A 75 -11.85 24.89 -2.43
CA LEU A 75 -11.23 24.64 -1.13
C LEU A 75 -9.83 25.22 -1.05
N PHE A 76 -9.03 25.05 -2.10
CA PHE A 76 -7.66 25.55 -2.15
C PHE A 76 -7.55 26.94 -2.77
N ARG A 77 -8.68 27.64 -2.93
CA ARG A 77 -8.70 28.92 -3.64
C ARG A 77 -7.65 29.88 -3.10
N ASP A 78 -7.50 29.95 -1.78
CA ASP A 78 -6.57 30.88 -1.14
C ASP A 78 -5.22 30.24 -0.77
N GLY A 79 -4.86 29.16 -1.42
CA GLY A 79 -3.56 28.58 -1.16
C GLY A 79 -3.69 27.20 -0.55
N VAL A 80 -2.66 26.39 -0.75
CA VAL A 80 -2.61 25.05 -0.16
C VAL A 80 -2.00 25.16 1.23
N ASN A 81 -2.54 24.41 2.18
CA ASN A 81 -1.84 24.21 3.45
C ASN A 81 -2.24 22.82 3.92
N TRP A 82 -1.54 22.33 4.95
CA TRP A 82 -1.76 20.96 5.39
C TRP A 82 -3.18 20.78 5.93
N GLY A 83 -3.74 21.81 6.57
CA GLY A 83 -5.11 21.70 7.06
C GLY A 83 -6.12 21.52 5.94
N ARG A 84 -5.97 22.30 4.86
CA ARG A 84 -6.87 22.14 3.73
C ARG A 84 -6.71 20.77 3.09
N ILE A 85 -5.51 20.22 3.14
CA ILE A 85 -5.28 18.87 2.64
C ILE A 85 -6.01 17.85 3.51
N VAL A 86 -5.96 18.00 4.83
CA VAL A 86 -6.80 17.19 5.72
C VAL A 86 -8.29 17.30 5.33
N ALA A 87 -8.79 18.52 5.16
CA ALA A 87 -10.20 18.68 4.76
C ALA A 87 -10.50 17.94 3.46
N PHE A 88 -9.56 17.98 2.51
CA PHE A 88 -9.73 17.29 1.24
C PHE A 88 -9.89 15.79 1.42
N PHE A 89 -9.09 15.18 2.32
CA PHE A 89 -9.25 13.76 2.61
C PHE A 89 -10.59 13.49 3.30
N SER A 90 -10.96 14.33 4.26
CA SER A 90 -12.26 14.16 4.93
C SER A 90 -13.43 14.32 3.97
N PHE A 91 -13.33 15.28 3.07
CA PHE A 91 -14.34 15.44 2.02
C PHE A 91 -14.51 14.15 1.21
N GLY A 92 -13.41 13.57 0.74
CA GLY A 92 -13.53 12.36 -0.07
C GLY A 92 -14.09 11.21 0.72
N GLY A 93 -13.73 11.10 2.00
CA GLY A 93 -14.29 10.05 2.83
C GLY A 93 -15.79 10.22 3.05
N ALA A 94 -16.27 11.47 3.17
CA ALA A 94 -17.70 11.70 3.32
C ALA A 94 -18.46 11.33 2.04
N LEU A 95 -17.86 11.59 0.87
CA LEU A 95 -18.49 11.19 -0.38
C LEU A 95 -18.59 9.68 -0.48
N CYS A 96 -17.56 8.96 0.02
CA CYS A 96 -17.60 7.50 -0.02
C CYS A 96 -18.63 6.92 0.94
N VAL A 97 -18.69 7.48 2.15
CA VAL A 97 -19.69 7.04 3.11
C VAL A 97 -21.09 7.25 2.54
N GLU A 98 -21.34 8.43 1.95
CA GLU A 98 -22.63 8.71 1.34
C GLU A 98 -22.95 7.71 0.22
N SER A 99 -21.98 7.44 -0.65
CA SER A 99 -22.21 6.52 -1.76
C SER A 99 -22.58 5.14 -1.26
N VAL A 100 -21.90 4.66 -0.21
CA VAL A 100 -22.24 3.37 0.35
C VAL A 100 -23.62 3.42 1.01
N ASP A 101 -23.93 4.51 1.70
CA ASP A 101 -25.27 4.67 2.28
C ASP A 101 -26.33 4.46 1.20
N LYS A 102 -26.09 4.99 0.01
CA LYS A 102 -27.05 4.92 -1.08
C LYS A 102 -26.86 3.69 -1.97
N GLU A 103 -26.16 2.66 -1.47
CA GLU A 103 -25.96 1.42 -2.20
C GLU A 103 -25.32 1.65 -3.57
N MET A 104 -24.38 2.60 -3.64
CA MET A 104 -23.63 2.83 -4.87
C MET A 104 -22.15 2.64 -4.57
N GLN A 105 -21.81 1.45 -4.04
CA GLN A 105 -20.46 1.17 -3.57
C GLN A 105 -19.41 1.31 -4.68
N VAL A 106 -19.79 1.17 -5.95
CA VAL A 106 -18.79 1.27 -7.02
C VAL A 106 -18.18 2.68 -7.05
N LEU A 107 -18.93 3.68 -6.62
CA LEU A 107 -18.41 5.04 -6.64
C LEU A 107 -17.24 5.24 -5.70
N VAL A 108 -17.06 4.37 -4.72
CA VAL A 108 -15.91 4.50 -3.80
C VAL A 108 -14.59 4.44 -4.58
N SER A 109 -14.46 3.45 -5.46
CA SER A 109 -13.22 3.33 -6.23
C SER A 109 -13.05 4.49 -7.19
N ARG A 110 -14.16 5.03 -7.70
CA ARG A 110 -14.14 6.20 -8.56
C ARG A 110 -13.65 7.43 -7.80
N ILE A 111 -14.21 7.68 -6.60
CA ILE A 111 -13.78 8.79 -5.77
C ILE A 111 -12.30 8.63 -5.39
N ALA A 112 -11.89 7.41 -5.06
CA ALA A 112 -10.49 7.19 -4.73
C ALA A 112 -9.57 7.54 -5.91
N ALA A 113 -10.00 7.21 -7.14
CA ALA A 113 -9.20 7.57 -8.29
C ALA A 113 -9.19 9.09 -8.52
N TRP A 114 -10.33 9.78 -8.29
CA TRP A 114 -10.35 11.24 -8.42
C TRP A 114 -9.43 11.92 -7.42
N MET A 115 -9.43 11.44 -6.17
CA MET A 115 -8.56 12.03 -5.15
C MET A 115 -7.08 11.87 -5.48
N ALA A 116 -6.68 10.69 -5.96
CA ALA A 116 -5.30 10.48 -6.39
C ALA A 116 -4.93 11.38 -7.57
N THR A 117 -5.83 11.49 -8.56
CA THR A 117 -5.58 12.39 -9.68
C THR A 117 -5.40 13.82 -9.20
N TYR A 118 -6.28 14.29 -8.32
CA TYR A 118 -6.18 15.66 -7.85
C TYR A 118 -4.88 15.89 -7.08
N LEU A 119 -4.55 14.97 -6.16
CA LEU A 119 -3.29 15.08 -5.43
C LEU A 119 -2.11 15.17 -6.40
N ASN A 120 -2.08 14.28 -7.38
CA ASN A 120 -0.90 14.21 -8.23
C ASN A 120 -0.84 15.39 -9.20
N ASP A 121 -1.96 15.90 -9.67
CA ASP A 121 -1.93 17.01 -10.61
C ASP A 121 -1.85 18.37 -9.93
N HIS A 122 -2.50 18.56 -8.78
CA HIS A 122 -2.61 19.89 -8.17
C HIS A 122 -1.77 20.08 -6.92
N LEU A 123 -1.51 19.02 -6.16
CA LEU A 123 -0.98 19.17 -4.81
C LEU A 123 0.44 18.65 -4.66
N GLU A 124 0.86 17.71 -5.51
CA GLU A 124 2.15 17.08 -5.32
C GLU A 124 3.35 18.03 -5.44
N PRO A 125 3.37 19.02 -6.35
CA PRO A 125 4.46 20.01 -6.30
C PRO A 125 4.54 20.77 -4.99
N TRP A 126 3.39 21.17 -4.44
CA TRP A 126 3.38 21.84 -3.13
C TRP A 126 3.85 20.89 -2.04
N ILE A 127 3.37 19.65 -2.06
CA ILE A 127 3.82 18.69 -1.06
C ILE A 127 5.34 18.52 -1.12
N GLN A 128 5.90 18.44 -2.33
CA GLN A 128 7.36 18.29 -2.43
C GLN A 128 8.09 19.52 -1.93
N GLU A 129 7.62 20.71 -2.31
CA GLU A 129 8.24 21.96 -1.87
C GLU A 129 8.26 22.09 -0.34
N ASN A 130 7.26 21.53 0.33
CA ASN A 130 7.15 21.63 1.79
C ASN A 130 7.72 20.43 2.52
N GLY A 131 8.52 19.61 1.85
CA GLY A 131 9.26 18.56 2.51
C GLY A 131 8.59 17.20 2.50
N GLY A 132 7.55 17.02 1.71
CA GLY A 132 6.91 15.72 1.64
C GLY A 132 6.03 15.45 2.84
N TRP A 133 5.43 14.27 2.83
CA TRP A 133 4.49 13.89 3.88
C TRP A 133 5.14 13.79 5.25
N ASP A 134 6.46 13.63 5.33
CA ASP A 134 7.10 13.62 6.66
C ASP A 134 6.91 14.94 7.38
N THR A 135 6.86 16.06 6.67
CA THR A 135 6.59 17.34 7.32
C THR A 135 5.22 17.36 7.99
N PHE A 136 4.20 16.81 7.32
CA PHE A 136 2.88 16.69 7.92
C PHE A 136 2.94 15.93 9.24
N VAL A 137 3.63 14.79 9.25
CA VAL A 137 3.74 13.99 10.47
C VAL A 137 4.41 14.79 11.59
N GLU A 138 5.52 15.48 11.26
CA GLU A 138 6.24 16.21 12.30
C GLU A 138 5.40 17.31 12.91
N LEU A 139 4.57 17.96 12.09
CA LEU A 139 3.75 19.05 12.59
C LEU A 139 2.52 18.56 13.34
N TYR A 140 1.98 17.42 12.95
CA TYR A 140 0.76 17.02 13.62
C TYR A 140 1.05 16.38 14.97
N GLY A 141 2.19 15.70 15.10
CA GLY A 141 2.51 14.92 16.27
C GLY A 141 2.62 13.45 15.89
N GLN B 3 5.74 10.21 -0.67
CA GLN B 3 5.51 8.89 -1.25
C GLN B 3 4.08 8.78 -1.77
N SER B 4 3.52 7.56 -1.83
CA SER B 4 2.41 7.26 -2.74
C SER B 4 1.09 7.88 -2.29
N ASN B 5 0.65 8.91 -3.00
CA ASN B 5 -0.66 9.49 -2.76
C ASN B 5 -1.78 8.45 -2.89
N ARG B 6 -1.68 7.53 -3.85
CA ARG B 6 -2.74 6.54 -4.04
C ARG B 6 -2.91 5.65 -2.81
N GLU B 7 -1.81 5.14 -2.24
CA GLU B 7 -1.98 4.28 -1.06
C GLU B 7 -2.46 5.08 0.15
N LEU B 8 -2.06 6.35 0.25
CA LEU B 8 -2.61 7.19 1.30
C LEU B 8 -4.11 7.33 1.17
N VAL B 9 -4.60 7.56 -0.06
CA VAL B 9 -6.05 7.75 -0.27
C VAL B 9 -6.81 6.47 0.11
N VAL B 10 -6.33 5.33 -0.35
CA VAL B 10 -7.03 4.06 -0.14
C VAL B 10 -7.07 3.72 1.35
N ASP B 11 -5.98 3.97 2.07
CA ASP B 11 -5.95 3.74 3.51
C ASP B 11 -6.98 4.60 4.21
N PHE B 12 -7.04 5.88 3.86
CA PHE B 12 -7.92 6.80 4.58
C PHE B 12 -9.38 6.48 4.31
N LEU B 13 -9.74 6.19 3.05
CA LEU B 13 -11.14 5.89 2.74
C LEU B 13 -11.58 4.60 3.38
N SER B 14 -10.70 3.59 3.44
CA SER B 14 -11.05 2.34 4.08
CA SER B 14 -11.05 2.33 4.08
C SER B 14 -11.23 2.52 5.58
N TYR B 15 -10.35 3.33 6.21
CA TYR B 15 -10.51 3.65 7.62
C TYR B 15 -11.84 4.34 7.86
N LYS B 16 -12.17 5.34 7.05
CA LYS B 16 -13.38 6.12 7.27
C LYS B 16 -14.64 5.27 7.09
N LEU B 17 -14.66 4.42 6.06
CA LEU B 17 -15.82 3.55 5.83
C LEU B 17 -15.99 2.58 6.98
N SER B 18 -14.89 1.95 7.41
CA SER B 18 -14.96 1.00 8.52
C SER B 18 -15.35 1.68 9.81
N GLN B 19 -14.94 2.93 9.98
CA GLN B 19 -15.28 3.65 11.19
C GLN B 19 -16.77 3.91 11.26
N LYS B 20 -17.41 4.12 10.12
CA LYS B 20 -18.84 4.40 10.05
C LYS B 20 -19.71 3.14 10.08
N GLY B 21 -19.10 1.96 10.07
CA GLY B 21 -19.83 0.72 10.17
C GLY B 21 -19.85 -0.13 8.91
N TYR B 22 -19.11 0.26 7.87
CA TYR B 22 -19.05 -0.47 6.59
C TYR B 22 -17.67 -1.11 6.48
N SER B 23 -17.55 -2.38 6.85
CA SER B 23 -16.29 -3.10 6.72
C SER B 23 -15.87 -3.12 5.26
N TRP B 24 -14.78 -2.45 4.92
CA TRP B 24 -14.45 -2.23 3.52
C TRP B 24 -13.28 -3.05 3.02
N SER B 25 -12.17 -3.09 3.76
CA SER B 25 -10.96 -3.83 3.39
C SER B 25 -10.29 -3.22 2.14
N GLN B 26 -8.97 -3.02 2.21
CA GLN B 26 -8.24 -2.44 1.11
C GLN B 26 -8.12 -3.42 -0.06
N PRO B 27 -7.89 -2.92 -1.29
CA PRO B 27 -7.90 -3.81 -2.48
C PRO B 27 -7.05 -5.06 -2.42
N MET B 28 -5.80 -4.97 -1.95
CA MET B 28 -4.92 -6.13 -1.99
C MET B 28 -4.86 -6.87 -0.67
N ALA B 29 -5.87 -6.70 0.19
CA ALA B 29 -5.84 -7.32 1.50
C ALA B 29 -5.92 -8.84 1.39
N ALA B 30 -6.73 -9.35 0.45
CA ALA B 30 -6.83 -10.80 0.28
C ALA B 30 -5.58 -11.40 -0.37
N VAL B 31 -4.91 -10.66 -1.27
CA VAL B 31 -3.68 -11.18 -1.86
C VAL B 31 -2.58 -11.27 -0.81
N LYS B 32 -2.39 -10.18 -0.04
CA LYS B 32 -1.40 -10.17 1.04
C LYS B 32 -1.63 -11.32 2.00
N GLN B 33 -2.90 -11.56 2.39
CA GLN B 33 -3.18 -12.61 3.37
C GLN B 33 -2.88 -13.99 2.80
N ALA B 34 -3.33 -14.26 1.56
CA ALA B 34 -3.03 -15.53 0.92
C ALA B 34 -1.52 -15.75 0.77
N LEU B 35 -0.76 -14.69 0.43
CA LEU B 35 0.69 -14.85 0.25
C LEU B 35 1.39 -15.15 1.56
N ARG B 36 1.05 -14.39 2.61
CA ARG B 36 1.61 -14.65 3.94
C ARG B 36 1.35 -16.09 4.36
N GLU B 37 0.14 -16.57 4.13
CA GLU B 37 -0.24 -17.93 4.53
C GLU B 37 0.56 -18.97 3.76
N ALA B 38 0.67 -18.79 2.45
CA ALA B 38 1.41 -19.76 1.64
C ALA B 38 2.88 -19.75 2.00
N GLY B 39 3.43 -18.56 2.31
CA GLY B 39 4.84 -18.48 2.67
C GLY B 39 5.12 -19.13 4.01
N ASP B 40 4.22 -18.94 4.98
CA ASP B 40 4.34 -19.66 6.25
C ASP B 40 4.31 -21.17 6.03
N GLU B 41 3.39 -21.65 5.20
CA GLU B 41 3.29 -23.09 4.95
C GLU B 41 4.53 -23.62 4.24
N PHE B 42 5.04 -22.88 3.25
CA PHE B 42 6.23 -23.31 2.53
C PHE B 42 7.43 -23.42 3.47
N GLU B 43 7.64 -22.42 4.31
CA GLU B 43 8.78 -22.42 5.20
C GLU B 43 8.67 -23.50 6.26
N LEU B 44 7.45 -23.81 6.70
CA LEU B 44 7.27 -24.81 7.74
C LEU B 44 7.32 -26.23 7.18
N ARG B 45 6.59 -26.50 6.09
CA ARG B 45 6.41 -27.87 5.62
C ARG B 45 7.41 -28.30 4.56
N TYR B 46 8.19 -27.37 3.99
CA TYR B 46 9.15 -27.68 2.92
C TYR B 46 10.51 -27.09 3.26
N ARG B 47 10.98 -27.34 4.49
CA ARG B 47 12.20 -26.69 4.97
C ARG B 47 13.40 -27.05 4.11
N ARG B 48 13.47 -28.29 3.63
CA ARG B 48 14.57 -28.66 2.75
C ARG B 48 14.61 -27.78 1.51
N ALA B 49 13.46 -27.56 0.87
CA ALA B 49 13.43 -26.73 -0.32
C ALA B 49 13.71 -25.27 0.02
N PHE B 50 13.18 -24.80 1.15
CA PHE B 50 13.43 -23.44 1.61
C PHE B 50 14.91 -23.19 1.83
N SER B 51 15.57 -24.10 2.56
CA SER B 51 16.99 -23.92 2.91
C SER B 51 17.89 -24.09 1.70
N ASP B 52 17.54 -25.00 0.80
CA ASP B 52 18.27 -25.09 -0.45
C ASP B 52 18.29 -23.76 -1.18
N LEU B 53 17.15 -23.08 -1.23
CA LEU B 53 17.13 -21.80 -1.95
C LEU B 53 17.90 -20.73 -1.19
N THR B 54 17.71 -20.64 0.13
CA THR B 54 18.39 -19.58 0.89
C THR B 54 19.90 -19.79 0.93
N SER B 55 20.37 -21.03 0.90
CA SER B 55 21.80 -21.28 0.97
C SER B 55 22.54 -20.82 -0.28
N GLN B 56 21.86 -20.29 -1.29
CA GLN B 56 22.50 -19.99 -2.57
C GLN B 56 22.99 -18.57 -2.69
N LEU B 57 22.72 -17.72 -1.70
CA LEU B 57 23.14 -16.32 -1.78
C LEU B 57 23.24 -15.76 -0.38
N HIS B 58 24.30 -15.01 -0.13
CA HIS B 58 24.41 -14.24 1.11
C HIS B 58 24.78 -12.82 0.75
N ILE B 59 24.00 -11.88 1.25
CA ILE B 59 24.09 -10.47 0.88
C ILE B 59 25.16 -9.79 1.70
N THR B 60 25.82 -8.83 1.07
CA THR B 60 26.69 -7.84 1.70
C THR B 60 26.28 -6.51 1.12
N PRO B 61 26.75 -5.39 1.68
CA PRO B 61 26.44 -4.10 1.05
C PRO B 61 26.98 -3.96 -0.37
N GLY B 62 27.89 -4.84 -0.80
CA GLY B 62 28.41 -4.74 -2.15
C GLY B 62 27.73 -5.65 -3.16
N THR B 63 26.88 -6.56 -2.68
CA THR B 63 26.15 -7.45 -3.58
C THR B 63 25.27 -6.64 -4.54
N ALA B 64 25.31 -7.02 -5.80
CA ALA B 64 24.57 -6.34 -6.85
C ALA B 64 23.30 -7.10 -7.17
N TYR B 65 22.38 -6.42 -7.85
CA TYR B 65 21.10 -7.04 -8.17
C TYR B 65 21.30 -8.27 -9.02
N GLN B 66 22.37 -8.29 -9.82
CA GLN B 66 22.60 -9.39 -10.76
C GLN B 66 22.81 -10.71 -10.06
N SER B 67 23.38 -10.68 -8.85
CA SER B 67 23.55 -11.93 -8.12
C SER B 67 22.21 -12.47 -7.61
N PHE B 68 21.36 -11.58 -7.10
CA PHE B 68 20.00 -11.98 -6.74
C PHE B 68 19.28 -12.55 -7.95
N GLU B 69 19.33 -11.83 -9.06
CA GLU B 69 18.64 -12.25 -10.27
C GLU B 69 19.16 -13.59 -10.77
N GLN B 70 20.47 -13.82 -10.63
CA GLN B 70 21.05 -15.11 -10.99
C GLN B 70 20.40 -16.25 -10.23
N VAL B 71 20.23 -16.09 -8.92
CA VAL B 71 19.68 -17.17 -8.12
C VAL B 71 18.21 -17.38 -8.47
N VAL B 72 17.45 -16.30 -8.66
CA VAL B 72 16.02 -16.43 -8.90
C VAL B 72 15.74 -16.96 -10.30
N ASN B 73 16.53 -16.55 -11.29
CA ASN B 73 16.40 -17.14 -12.62
C ASN B 73 16.54 -18.66 -12.57
N GLU B 74 17.46 -19.16 -11.74
CA GLU B 74 17.63 -20.58 -11.57
C GLU B 74 16.37 -21.24 -11.00
N LEU B 75 15.74 -20.58 -10.04
CA LEU B 75 14.53 -21.12 -9.41
C LEU B 75 13.40 -21.29 -10.42
N PHE B 76 13.31 -20.41 -11.41
CA PHE B 76 12.26 -20.46 -12.42
C PHE B 76 12.71 -21.13 -13.73
N ARG B 77 13.86 -21.79 -13.74
CA ARG B 77 14.40 -22.24 -15.02
C ARG B 77 13.47 -23.21 -15.73
N ASP B 78 12.75 -24.04 -14.97
CA ASP B 78 11.84 -25.02 -15.58
C ASP B 78 10.41 -24.48 -15.75
N GLY B 79 10.21 -23.19 -15.51
CA GLY B 79 8.91 -22.58 -15.71
C GLY B 79 8.48 -21.84 -14.46
N VAL B 80 7.62 -20.88 -14.64
CA VAL B 80 7.01 -20.17 -13.54
C VAL B 80 5.74 -20.90 -13.13
N ASN B 81 5.53 -21.03 -11.81
CA ASN B 81 4.24 -21.43 -11.28
C ASN B 81 4.06 -20.72 -9.95
N TRP B 82 2.86 -20.86 -9.36
CA TRP B 82 2.57 -20.04 -8.19
C TRP B 82 3.39 -20.48 -6.98
N GLY B 83 3.71 -21.76 -6.86
CA GLY B 83 4.52 -22.22 -5.73
C GLY B 83 5.94 -21.71 -5.81
N ARG B 84 6.49 -21.62 -7.02
CA ARG B 84 7.82 -21.04 -7.17
C ARG B 84 7.81 -19.55 -6.87
N ILE B 85 6.74 -18.85 -7.27
CA ILE B 85 6.59 -17.45 -6.86
C ILE B 85 6.52 -17.33 -5.33
N VAL B 86 5.78 -18.23 -4.67
CA VAL B 86 5.78 -18.25 -3.21
C VAL B 86 7.18 -18.44 -2.64
N ALA B 87 7.97 -19.34 -3.24
CA ALA B 87 9.32 -19.54 -2.74
C ALA B 87 10.19 -18.29 -2.93
N PHE B 88 9.99 -17.57 -4.03
CA PHE B 88 10.74 -16.34 -4.28
C PHE B 88 10.47 -15.32 -3.17
N PHE B 89 9.23 -15.22 -2.69
CA PHE B 89 8.94 -14.30 -1.58
C PHE B 89 9.65 -14.76 -0.31
N SER B 90 9.54 -16.06 0.02
CA SER B 90 10.15 -16.61 1.23
C SER B 90 11.67 -16.46 1.19
N PHE B 91 12.26 -16.61 0.00
CA PHE B 91 13.69 -16.39 -0.18
C PHE B 91 14.07 -14.94 0.12
N GLY B 92 13.31 -13.98 -0.45
CA GLY B 92 13.55 -12.59 -0.11
C GLY B 92 13.43 -12.31 1.37
N GLY B 93 12.41 -12.91 2.00
CA GLY B 93 12.21 -12.69 3.43
C GLY B 93 13.34 -13.25 4.25
N ALA B 94 13.83 -14.44 3.88
CA ALA B 94 15.01 -14.99 4.54
C ALA B 94 16.24 -14.08 4.38
N LEU B 95 16.46 -13.52 3.18
CA LEU B 95 17.56 -12.58 2.98
C LEU B 95 17.43 -11.35 3.87
N CYS B 96 16.20 -10.92 4.17
CA CYS B 96 16.02 -9.77 5.04
C CYS B 96 16.31 -10.13 6.49
N VAL B 97 15.83 -11.29 6.94
CA VAL B 97 16.04 -11.69 8.32
C VAL B 97 17.53 -11.82 8.59
N GLU B 98 18.25 -12.49 7.68
CA GLU B 98 19.71 -12.62 7.78
C GLU B 98 20.40 -11.26 7.86
N SER B 99 19.96 -10.30 7.05
CA SER B 99 20.55 -8.97 7.06
C SER B 99 20.36 -8.29 8.42
N VAL B 100 19.15 -8.39 8.99
CA VAL B 100 18.92 -7.78 10.29
C VAL B 100 19.68 -8.53 11.37
N ASP B 101 19.81 -9.85 11.23
CA ASP B 101 20.56 -10.65 12.20
C ASP B 101 22.02 -10.23 12.28
N LYS B 102 22.59 -9.71 11.18
CA LYS B 102 23.98 -9.31 11.12
C LYS B 102 24.15 -7.79 11.10
N GLU B 103 23.17 -7.07 11.66
CA GLU B 103 23.25 -5.62 11.84
C GLU B 103 23.42 -4.90 10.52
N MET B 104 22.78 -5.42 9.48
CA MET B 104 22.78 -4.73 8.20
C MET B 104 21.34 -4.49 7.78
N GLN B 105 20.58 -3.87 8.68
CA GLN B 105 19.20 -3.50 8.42
C GLN B 105 19.08 -2.60 7.20
N VAL B 106 20.14 -1.85 6.86
CA VAL B 106 20.08 -0.98 5.68
C VAL B 106 19.82 -1.79 4.41
N LEU B 107 20.17 -3.07 4.40
CA LEU B 107 19.98 -3.90 3.21
C LEU B 107 18.51 -4.28 2.94
N VAL B 108 17.62 -4.12 3.92
CA VAL B 108 16.24 -4.58 3.76
C VAL B 108 15.55 -3.85 2.60
N SER B 109 15.70 -2.52 2.54
CA SER B 109 15.01 -1.78 1.46
C SER B 109 15.63 -2.05 0.09
N ARG B 110 16.92 -2.42 0.05
CA ARG B 110 17.53 -2.84 -1.20
C ARG B 110 16.97 -4.18 -1.65
N ILE B 111 16.80 -5.13 -0.71
CA ILE B 111 16.21 -6.41 -1.04
C ILE B 111 14.78 -6.22 -1.55
N ALA B 112 14.00 -5.35 -0.88
CA ALA B 112 12.65 -5.07 -1.35
C ALA B 112 12.65 -4.51 -2.78
N ALA B 113 13.61 -3.62 -3.10
CA ALA B 113 13.68 -3.08 -4.45
C ALA B 113 14.08 -4.14 -5.46
N TRP B 114 15.01 -5.03 -5.08
CA TRP B 114 15.35 -6.14 -5.97
C TRP B 114 14.12 -6.99 -6.25
N MET B 115 13.38 -7.34 -5.20
CA MET B 115 12.23 -8.21 -5.40
C MET B 115 11.17 -7.55 -6.26
N ALA B 116 10.90 -6.26 -6.03
CA ALA B 116 9.91 -5.56 -6.85
C ALA B 116 10.36 -5.49 -8.30
N THR B 117 11.66 -5.22 -8.52
CA THR B 117 12.23 -5.17 -9.86
C THR B 117 12.12 -6.51 -10.54
N TYR B 118 12.43 -7.58 -9.83
CA TYR B 118 12.37 -8.89 -10.48
C TYR B 118 10.93 -9.24 -10.86
N LEU B 119 9.99 -8.98 -9.96
CA LEU B 119 8.57 -9.19 -10.23
C LEU B 119 8.13 -8.38 -11.45
N ASN B 120 8.42 -7.07 -11.47
CA ASN B 120 7.98 -6.21 -12.56
C ASN B 120 8.63 -6.60 -13.88
N ASP B 121 9.93 -6.94 -13.87
CA ASP B 121 10.63 -7.21 -15.13
C ASP B 121 10.45 -8.65 -15.61
N HIS B 122 10.44 -9.62 -14.69
CA HIS B 122 10.56 -11.02 -15.06
C HIS B 122 9.30 -11.85 -14.84
N LEU B 123 8.45 -11.48 -13.89
CA LEU B 123 7.30 -12.29 -13.50
C LEU B 123 5.96 -11.69 -13.90
N GLU B 124 5.87 -10.37 -14.02
CA GLU B 124 4.59 -9.72 -14.36
C GLU B 124 3.95 -10.24 -15.64
N PRO B 125 4.67 -10.50 -16.74
CA PRO B 125 3.99 -11.07 -17.91
C PRO B 125 3.30 -12.39 -17.62
N TRP B 126 3.93 -13.29 -16.85
CA TRP B 126 3.29 -14.55 -16.51
C TRP B 126 2.14 -14.33 -15.54
N ILE B 127 2.32 -13.48 -14.55
CA ILE B 127 1.26 -13.21 -13.57
C ILE B 127 0.01 -12.70 -14.29
N GLN B 128 0.17 -11.67 -15.14
CA GLN B 128 -0.97 -11.12 -15.87
C GLN B 128 -1.55 -12.14 -16.84
N GLU B 129 -0.69 -12.88 -17.54
CA GLU B 129 -1.19 -13.93 -18.42
C GLU B 129 -2.05 -14.93 -17.66
N ASN B 130 -1.74 -15.20 -16.40
CA ASN B 130 -2.42 -16.20 -15.60
C ASN B 130 -3.53 -15.64 -14.74
N GLY B 131 -4.04 -14.46 -15.06
CA GLY B 131 -5.18 -13.91 -14.35
C GLY B 131 -4.85 -12.90 -13.27
N GLY B 132 -3.58 -12.54 -13.08
CA GLY B 132 -3.24 -11.59 -12.05
C GLY B 132 -3.21 -12.22 -10.68
N TRP B 133 -2.90 -11.39 -9.68
CA TRP B 133 -2.84 -11.86 -8.30
C TRP B 133 -4.21 -12.32 -7.81
N ASP B 134 -5.30 -11.75 -8.38
CA ASP B 134 -6.63 -12.19 -7.97
C ASP B 134 -6.82 -13.67 -8.24
N THR B 135 -6.21 -14.19 -9.31
CA THR B 135 -6.28 -15.62 -9.59
C THR B 135 -5.58 -16.42 -8.50
N PHE B 136 -4.43 -15.94 -8.02
CA PHE B 136 -3.76 -16.59 -6.90
C PHE B 136 -4.70 -16.72 -5.70
N VAL B 137 -5.45 -15.66 -5.39
CA VAL B 137 -6.38 -15.70 -4.27
C VAL B 137 -7.53 -16.67 -4.55
N GLU B 138 -8.02 -16.69 -5.80
CA GLU B 138 -9.13 -17.58 -6.16
C GLU B 138 -8.71 -19.05 -6.06
N LEU B 139 -7.48 -19.37 -6.46
CA LEU B 139 -7.04 -20.77 -6.43
C LEU B 139 -6.55 -21.21 -5.06
N TYR B 140 -6.00 -20.30 -4.24
CA TYR B 140 -5.29 -20.73 -3.04
C TYR B 140 -5.60 -19.90 -1.80
N GLY B 141 -6.54 -18.96 -1.86
CA GLY B 141 -6.89 -18.20 -0.68
C GLY B 141 -8.09 -18.78 0.06
N THR C 1 0.67 -27.06 -1.90
CA THR C 1 -0.37 -27.81 -2.59
C THR C 1 0.29 -28.99 -3.33
N PRO C 2 -0.45 -30.07 -3.58
CA PRO C 2 0.16 -31.21 -4.27
C PRO C 2 0.75 -30.85 -5.63
N GLU C 3 0.12 -29.91 -6.36
CA GLU C 3 0.64 -29.53 -7.67
C GLU C 3 1.90 -28.66 -7.55
N TRP C 4 2.00 -27.80 -6.53
CA TRP C 4 3.26 -27.10 -6.29
C TRP C 4 4.35 -28.08 -5.88
N ALA C 5 4.03 -28.98 -4.94
CA ALA C 5 5.01 -29.95 -4.47
C ALA C 5 5.54 -30.82 -5.61
N SER C 6 4.67 -31.17 -6.57
CA SER C 6 5.09 -32.05 -7.65
C SER C 6 6.13 -31.44 -8.57
N THR C 7 6.40 -30.13 -8.45
CA THR C 7 7.42 -29.48 -9.26
C THR C 7 8.74 -29.29 -8.50
N LEU C 8 8.83 -29.76 -7.26
CA LEU C 8 10.12 -29.82 -6.60
C LEU C 8 11.01 -30.89 -7.24
N ARG C 9 12.32 -30.69 -7.14
CA ARG C 9 13.25 -31.75 -7.50
C ARG C 9 13.12 -32.90 -6.50
N PRO C 10 13.30 -34.15 -6.95
CA PRO C 10 13.16 -35.30 -6.02
C PRO C 10 14.05 -35.19 -4.78
N GLU C 11 15.23 -34.59 -4.88
CA GLU C 11 16.11 -34.41 -3.71
C GLU C 11 15.52 -33.41 -2.70
N THR D 1 -4.49 21.58 14.10
CA THR D 1 -3.48 22.34 14.86
C THR D 1 -3.97 23.79 14.85
N PRO D 2 -3.53 24.58 15.84
CA PRO D 2 -3.86 26.02 15.82
C PRO D 2 -3.44 26.73 14.55
N GLU D 3 -2.26 26.41 14.01
CA GLU D 3 -1.85 27.11 12.79
C GLU D 3 -2.75 26.76 11.60
N TRP D 4 -3.26 25.51 11.51
CA TRP D 4 -4.19 25.20 10.41
C TRP D 4 -5.58 25.78 10.68
N ALA D 5 -6.04 25.72 11.93
CA ALA D 5 -7.35 26.24 12.29
C ALA D 5 -7.48 27.73 11.99
N SER D 6 -6.36 28.48 12.01
CA SER D 6 -6.47 29.91 11.77
C SER D 6 -6.64 30.26 10.29
N THR D 7 -6.56 29.29 9.38
CA THR D 7 -6.86 29.55 7.98
C THR D 7 -8.33 29.31 7.62
N LEU D 8 -9.16 28.86 8.56
CA LEU D 8 -10.59 28.81 8.30
C LEU D 8 -11.13 30.22 8.08
N ARG D 9 -12.19 30.31 7.28
CA ARG D 9 -12.96 31.55 7.21
C ARG D 9 -13.64 31.80 8.55
N PRO D 10 -13.82 33.07 8.93
CA PRO D 10 -14.46 33.35 10.23
C PRO D 10 -15.83 32.72 10.39
N GLU D 11 -16.59 32.60 9.30
CA GLU D 11 -17.91 31.96 9.32
C GLU D 11 -17.82 30.48 9.71
#